data_8ONT
#
_entry.id   8ONT
#
_cell.length_a   1.00
_cell.length_b   1.00
_cell.length_c   1.00
_cell.angle_alpha   90.00
_cell.angle_beta   90.00
_cell.angle_gamma   90.00
#
_symmetry.space_group_name_H-M   'P 1'
#
loop_
_entity.id
_entity.type
_entity.pdbx_description
1 polymer 'NRAMP related aluminium transporter'
2 polymer Nanobody1
3 non-polymer 'DIUNDECYL PHOSPHATIDYL CHOLINE'
4 water water
#
loop_
_entity_poly.entity_id
_entity_poly.type
_entity_poly.pdbx_seq_one_letter_code
_entity_poly.pdbx_strand_id
1 'polypeptide(L)'
;MSERAREVGETGREARHGVLQSGSDTGDHKDKTVELEKDEQFQGQPKWRKFLAHVGPGALVAIGFLDPSNLETDMQAGAD
FKYELLWVVLVGMIFALLIQTLAANLGVKTGRHLAELCREEYPRYVNICLWIIAELAVISDDIPEVLGTAFAFNILLKIP
VWAGVILTVFSTLLLLGVQRFGARKLEFIIAAFMFTMAACFFGELSYLRPSAKEVVKGMFVPSLQGKGAAANAIALFGAI
ITPYNLFLHSALVLSRKTPRSVKSIRAACRYFLIECSLAFIVAFLINVSVVVVAGTICNADNLSPTDSNTCSDLTLQSAP
MLLRNVLGRSSSVVYAVALLASGQSTTISCTFAGQVIMQGFLDMKMKNWVRNLITRVIAIAPSLIVSIVSGPSGAGKLII
FSSMVLSFEMPFALIPLLKFCNSSKKVGPLKESIYTVVIAWILSFALIVVNTYFLVWTYVDWLVHNHLPKYANALVSIVV
FALMAAYLVFVVYLTFRRDTVSTYVPVSERAQGQVEAGGAQAVASAADADQPAPFRKDLADASMALEVLFQG
;
A
2 'polypeptide(L)'
;QWQLVESGGGLVQAGGSLRLSCVGSGRAFSSGAMGWFRQTPGQEREFVAAISWSGGSTVYAESVKGRFTISMDNAKNTVY
LRMNSLQPEDTAVYYCAAGTSTFALRRSPEYWGKGTPVTVSS
;
B
#
# COMPACT_ATOMS: atom_id res chain seq x y z
N VAL A 55 -4.42 32.05 -10.41
CA VAL A 55 -5.77 31.60 -10.07
C VAL A 55 -5.87 30.08 -10.22
N GLY A 56 -5.81 29.39 -9.09
CA GLY A 56 -5.91 27.95 -9.09
C GLY A 56 -6.95 27.43 -8.11
N PRO A 57 -7.97 26.77 -8.63
CA PRO A 57 -9.01 26.18 -7.76
C PRO A 57 -8.62 24.80 -7.25
N GLY A 58 -7.61 24.78 -6.38
CA GLY A 58 -7.11 23.54 -5.84
C GLY A 58 -8.06 22.91 -4.83
N ALA A 59 -7.72 21.69 -4.43
CA ALA A 59 -8.52 20.93 -3.48
C ALA A 59 -7.59 20.29 -2.45
N LEU A 60 -8.16 19.99 -1.28
CA LEU A 60 -7.43 19.32 -0.22
C LEU A 60 -7.52 17.81 -0.29
N VAL A 61 -8.37 17.25 -1.15
CA VAL A 61 -8.46 15.79 -1.27
C VAL A 61 -7.17 15.21 -1.81
N ALA A 62 -6.59 15.86 -2.83
CA ALA A 62 -5.33 15.38 -3.37
C ALA A 62 -4.23 15.41 -2.32
N ILE A 63 -4.25 16.40 -1.43
CA ILE A 63 -3.27 16.44 -0.35
C ILE A 63 -3.41 15.21 0.53
N GLY A 64 -4.65 14.86 0.88
CA GLY A 64 -4.87 13.64 1.63
C GLY A 64 -4.55 12.38 0.85
N PHE A 65 -4.49 12.47 -0.47
CA PHE A 65 -4.08 11.36 -1.31
C PHE A 65 -2.58 11.34 -1.56
N LEU A 66 -1.83 12.33 -1.09
CA LEU A 66 -0.39 12.41 -1.27
C LEU A 66 0.35 12.38 0.06
N ASP A 67 -0.15 11.62 1.03
CA ASP A 67 0.54 11.45 2.29
C ASP A 67 1.83 10.68 2.10
N PRO A 68 2.73 10.71 3.08
CA PRO A 68 3.88 9.81 3.03
C PRO A 68 3.49 8.35 2.97
N SER A 69 2.33 7.97 3.50
CA SER A 69 1.88 6.59 3.34
C SER A 69 1.64 6.26 1.87
N ASN A 70 1.04 7.18 1.12
CA ASN A 70 0.83 6.96 -0.30
C ASN A 70 2.16 6.89 -1.04
N LEU A 71 3.10 7.76 -0.71
CA LEU A 71 4.42 7.69 -1.34
C LEU A 71 5.11 6.37 -1.05
N GLU A 72 5.05 5.90 0.21
CA GLU A 72 5.72 4.66 0.54
C GLU A 72 5.06 3.46 -0.15
N THR A 73 3.73 3.39 -0.11
CA THR A 73 3.05 2.28 -0.77
C THR A 73 3.31 2.29 -2.27
N ASP A 74 3.29 3.48 -2.90
CA ASP A 74 3.54 3.55 -4.33
C ASP A 74 4.97 3.14 -4.65
N MET A 75 5.94 3.63 -3.88
CA MET A 75 7.32 3.24 -4.14
C MET A 75 7.48 1.74 -4.02
N GLN A 76 6.88 1.13 -2.99
CA GLN A 76 6.99 -0.31 -2.83
C GLN A 76 6.33 -1.05 -3.98
N ALA A 77 5.15 -0.62 -4.40
CA ALA A 77 4.47 -1.31 -5.50
C ALA A 77 5.29 -1.21 -6.78
N GLY A 78 5.86 -0.04 -7.06
CA GLY A 78 6.66 0.12 -8.25
C GLY A 78 7.97 -0.65 -8.20
N ALA A 79 8.59 -0.73 -7.03
CA ALA A 79 9.87 -1.41 -6.90
C ALA A 79 9.73 -2.92 -6.75
N ASP A 80 8.53 -3.42 -6.46
CA ASP A 80 8.33 -4.85 -6.34
C ASP A 80 7.56 -5.49 -7.49
N PHE A 81 6.72 -4.72 -8.19
CA PHE A 81 5.95 -5.32 -9.27
C PHE A 81 5.89 -4.45 -10.52
N LYS A 82 6.83 -3.52 -10.70
CA LYS A 82 6.88 -2.67 -11.89
C LYS A 82 5.49 -2.07 -12.08
N TYR A 83 4.92 -2.12 -13.29
CA TYR A 83 3.58 -1.59 -13.52
C TYR A 83 2.54 -2.71 -13.43
N GLU A 84 2.53 -3.40 -12.29
CA GLU A 84 1.59 -4.49 -12.10
C GLU A 84 0.41 -4.10 -11.22
N LEU A 85 0.64 -3.29 -10.19
CA LEU A 85 -0.41 -2.86 -9.30
C LEU A 85 -0.95 -1.48 -9.64
N LEU A 86 -0.65 -0.99 -10.85
CA LEU A 86 -1.23 0.28 -11.26
C LEU A 86 -2.75 0.22 -11.23
N TRP A 87 -3.35 -0.93 -11.57
CA TRP A 87 -4.80 -1.02 -11.58
C TRP A 87 -5.37 -0.76 -10.20
N VAL A 88 -4.67 -1.18 -9.14
CA VAL A 88 -5.14 -0.89 -7.79
C VAL A 88 -5.23 0.61 -7.57
N VAL A 89 -4.30 1.37 -8.13
CA VAL A 89 -4.38 2.82 -8.07
C VAL A 89 -5.58 3.31 -8.87
N LEU A 90 -5.86 2.67 -10.02
CA LEU A 90 -7.00 3.08 -10.81
C LEU A 90 -8.30 2.70 -10.15
N VAL A 91 -8.43 1.45 -9.69
CA VAL A 91 -9.64 1.03 -8.99
C VAL A 91 -9.78 1.78 -7.67
N GLY A 92 -8.71 1.77 -6.86
CA GLY A 92 -8.79 2.42 -5.57
C GLY A 92 -9.27 3.85 -5.69
N MET A 93 -8.62 4.64 -6.54
CA MET A 93 -9.07 6.02 -6.74
C MET A 93 -10.53 6.05 -7.18
N ILE A 94 -10.88 5.23 -8.17
CA ILE A 94 -12.28 5.19 -8.61
C ILE A 94 -13.19 4.83 -7.46
N PHE A 95 -12.75 3.90 -6.61
CA PHE A 95 -13.47 3.65 -5.37
C PHE A 95 -13.42 4.87 -4.46
N ALA A 96 -12.22 5.38 -4.19
CA ALA A 96 -12.07 6.43 -3.19
C ALA A 96 -12.91 7.64 -3.54
N LEU A 97 -12.99 7.98 -4.82
CA LEU A 97 -13.89 9.06 -5.23
C LEU A 97 -15.33 8.69 -4.98
N LEU A 98 -15.76 7.53 -5.50
CA LEU A 98 -17.18 7.18 -5.43
C LEU A 98 -17.68 7.22 -4.00
N ILE A 99 -16.99 6.53 -3.09
CA ILE A 99 -17.41 6.53 -1.69
C ILE A 99 -17.52 7.96 -1.18
N GLN A 100 -16.49 8.77 -1.43
CA GLN A 100 -16.53 10.15 -0.97
C GLN A 100 -17.81 10.81 -1.45
N THR A 101 -18.14 10.66 -2.73
CA THR A 101 -19.36 11.26 -3.24
C THR A 101 -20.55 10.86 -2.38
N LEU A 102 -20.74 9.56 -2.17
CA LEU A 102 -21.83 9.10 -1.34
C LEU A 102 -21.81 9.82 0.00
N ALA A 103 -20.65 9.84 0.67
CA ALA A 103 -20.57 10.50 1.95
C ALA A 103 -21.07 11.93 1.83
N ALA A 104 -20.51 12.68 0.87
CA ALA A 104 -20.95 14.06 0.69
C ALA A 104 -22.46 14.10 0.48
N ASN A 105 -22.96 13.27 -0.44
CA ASN A 105 -24.38 13.27 -0.72
C ASN A 105 -25.17 12.98 0.54
N LEU A 106 -24.70 12.03 1.36
CA LEU A 106 -25.41 11.74 2.60
C LEU A 106 -25.67 13.02 3.38
N GLY A 107 -24.62 13.83 3.56
CA GLY A 107 -24.80 15.08 4.28
C GLY A 107 -25.87 15.94 3.65
N VAL A 108 -25.81 16.11 2.33
CA VAL A 108 -26.78 16.96 1.66
C VAL A 108 -28.20 16.44 1.88
N LYS A 109 -28.35 15.13 2.03
CA LYS A 109 -29.68 14.55 2.23
C LYS A 109 -30.05 14.42 3.70
N THR A 110 -29.10 14.62 4.60
CA THR A 110 -29.43 14.42 6.02
C THR A 110 -29.05 15.61 6.89
N GLY A 111 -27.96 16.30 6.58
CA GLY A 111 -27.49 17.36 7.43
C GLY A 111 -26.71 16.91 8.64
N ARG A 112 -26.45 15.62 8.78
CA ARG A 112 -25.70 15.08 9.90
C ARG A 112 -24.60 14.16 9.37
N HIS A 113 -23.49 14.13 10.11
CA HIS A 113 -22.35 13.33 9.69
C HIS A 113 -22.72 11.85 9.66
N LEU A 114 -21.82 11.03 9.12
CA LEU A 114 -21.99 9.60 9.23
C LEU A 114 -21.89 9.12 10.67
N ALA A 115 -21.11 9.82 11.48
CA ALA A 115 -20.94 9.43 12.88
C ALA A 115 -22.25 9.52 13.65
N GLU A 116 -22.99 10.62 13.48
CA GLU A 116 -24.23 10.78 14.22
C GLU A 116 -25.24 9.70 13.85
N LEU A 117 -25.39 9.42 12.55
CA LEU A 117 -26.30 8.37 12.14
C LEU A 117 -25.85 7.02 12.66
N CYS A 118 -24.55 6.73 12.59
CA CYS A 118 -24.05 5.46 13.07
C CYS A 118 -24.36 5.28 14.55
N ARG A 119 -24.17 6.32 15.35
CA ARG A 119 -24.50 6.24 16.76
C ARG A 119 -26.01 6.08 16.98
N GLU A 120 -26.82 6.82 16.24
CA GLU A 120 -28.25 6.83 16.49
C GLU A 120 -28.89 5.49 16.14
N GLU A 121 -28.52 4.91 15.00
CA GLU A 121 -29.20 3.72 14.51
C GLU A 121 -28.63 2.42 15.08
N TYR A 122 -27.64 2.48 15.95
CA TYR A 122 -26.99 1.30 16.47
C TYR A 122 -26.99 1.31 17.99
N PRO A 123 -26.92 0.15 18.63
CA PRO A 123 -26.95 0.10 20.09
C PRO A 123 -25.69 0.67 20.73
N ARG A 124 -25.60 0.59 22.06
CA ARG A 124 -24.45 1.16 22.77
C ARG A 124 -23.16 0.42 22.42
N TYR A 125 -23.21 -0.92 22.42
CA TYR A 125 -21.99 -1.68 22.23
C TYR A 125 -21.50 -1.62 20.79
N VAL A 126 -22.41 -1.69 19.82
CA VAL A 126 -22.00 -1.54 18.43
C VAL A 126 -21.42 -0.16 18.19
N ASN A 127 -22.03 0.87 18.76
CA ASN A 127 -21.51 2.22 18.57
C ASN A 127 -20.13 2.37 19.23
N ILE A 128 -19.94 1.77 20.41
CA ILE A 128 -18.64 1.85 21.06
C ILE A 128 -17.59 1.13 20.22
N CYS A 129 -17.92 -0.03 19.67
CA CYS A 129 -16.96 -0.74 18.83
C CYS A 129 -16.65 0.04 17.56
N LEU A 130 -17.66 0.70 16.98
CA LEU A 130 -17.42 1.55 15.83
C LEU A 130 -16.49 2.70 16.20
N TRP A 131 -16.68 3.30 17.38
CA TRP A 131 -15.79 4.38 17.79
C TRP A 131 -14.36 3.88 17.98
N ILE A 132 -14.21 2.68 18.55
CA ILE A 132 -12.87 2.12 18.71
C ILE A 132 -12.24 1.88 17.35
N ILE A 133 -13.02 1.38 16.39
CA ILE A 133 -12.50 1.18 15.04
C ILE A 133 -12.08 2.51 14.43
N ALA A 134 -12.90 3.55 14.61
CA ALA A 134 -12.54 4.86 14.05
C ALA A 134 -11.28 5.42 14.69
N GLU A 135 -11.15 5.27 16.01
CA GLU A 135 -9.94 5.74 16.68
C GLU A 135 -8.72 5.00 16.18
N LEU A 136 -8.84 3.68 15.99
CA LEU A 136 -7.72 2.92 15.43
C LEU A 136 -7.41 3.36 14.01
N ALA A 137 -8.44 3.68 13.23
CA ALA A 137 -8.20 4.16 11.87
C ALA A 137 -7.45 5.49 11.89
N VAL A 138 -7.85 6.41 12.76
CA VAL A 138 -7.18 7.70 12.82
C VAL A 138 -5.74 7.53 13.29
N ILE A 139 -5.50 6.70 14.30
CA ILE A 139 -4.14 6.47 14.76
C ILE A 139 -3.29 5.85 13.65
N SER A 140 -3.84 4.88 12.92
CA SER A 140 -3.10 4.24 11.85
C SER A 140 -2.79 5.22 10.73
N ASP A 141 -3.73 6.12 10.43
CA ASP A 141 -3.44 7.17 9.46
C ASP A 141 -2.33 8.07 9.97
N ASP A 142 -2.35 8.40 11.26
CA ASP A 142 -1.42 9.39 11.79
C ASP A 142 -0.04 8.83 12.05
N ILE A 143 0.12 7.49 12.03
CA ILE A 143 1.47 6.92 12.11
C ILE A 143 2.31 7.29 10.89
N PRO A 144 1.81 7.18 9.65
CA PRO A 144 2.62 7.62 8.51
C PRO A 144 3.03 9.08 8.54
N GLU A 145 2.16 9.98 9.00
CA GLU A 145 2.54 11.39 9.06
C GLU A 145 3.75 11.58 9.96
N VAL A 146 3.74 10.96 11.13
CA VAL A 146 4.88 11.07 12.04
C VAL A 146 6.13 10.50 11.39
N LEU A 147 6.00 9.33 10.78
CA LEU A 147 7.16 8.71 10.14
C LEU A 147 7.61 9.51 8.93
N GLY A 148 6.68 10.05 8.14
CA GLY A 148 7.08 10.87 7.02
C GLY A 148 7.85 12.11 7.45
N THR A 149 7.34 12.81 8.47
CA THR A 149 8.03 13.99 8.95
C THR A 149 9.37 13.64 9.58
N ALA A 150 9.45 12.51 10.29
CA ALA A 150 10.74 12.10 10.85
C ALA A 150 11.74 11.82 9.75
N PHE A 151 11.31 11.18 8.67
CA PHE A 151 12.21 10.92 7.55
C PHE A 151 12.66 12.22 6.89
N ALA A 152 11.74 13.18 6.76
CA ALA A 152 12.12 14.48 6.21
C ALA A 152 13.17 15.15 7.07
N PHE A 153 13.01 15.10 8.40
CA PHE A 153 13.99 15.70 9.29
C PHE A 153 15.32 14.96 9.20
N ASN A 154 15.29 13.63 9.06
CA ASN A 154 16.53 12.88 8.92
C ASN A 154 17.27 13.29 7.65
N ILE A 155 16.54 13.43 6.54
CA ILE A 155 17.18 13.81 5.28
C ILE A 155 17.75 15.23 5.38
N LEU A 156 16.99 16.15 5.99
CA LEU A 156 17.40 17.55 5.99
C LEU A 156 18.52 17.81 7.00
N LEU A 157 18.25 17.57 8.29
CA LEU A 157 19.19 17.90 9.34
C LEU A 157 20.13 16.75 9.68
N LYS A 158 20.07 15.65 8.96
CA LYS A 158 21.01 14.52 9.15
C LYS A 158 21.01 14.03 10.60
N ILE A 159 19.82 13.91 11.17
CA ILE A 159 19.67 13.38 12.53
C ILE A 159 18.93 12.06 12.42
N PRO A 160 19.11 11.16 13.39
CA PRO A 160 18.47 9.85 13.31
C PRO A 160 16.95 9.97 13.22
N VAL A 161 16.32 8.85 12.84
CA VAL A 161 14.87 8.87 12.64
C VAL A 161 14.15 9.18 13.94
N TRP A 162 14.57 8.58 15.05
CA TRP A 162 13.92 8.87 16.32
C TRP A 162 13.99 10.36 16.64
N ALA A 163 15.08 11.01 16.24
CA ALA A 163 15.14 12.46 16.36
C ALA A 163 14.04 13.11 15.54
N GLY A 164 13.79 12.58 14.34
CA GLY A 164 12.71 13.11 13.54
C GLY A 164 11.36 12.97 14.20
N VAL A 165 11.10 11.80 14.80
CA VAL A 165 9.80 11.59 15.45
C VAL A 165 9.65 12.53 16.64
N ILE A 166 10.71 12.67 17.45
CA ILE A 166 10.64 13.56 18.60
C ILE A 166 10.41 15.00 18.16
N LEU A 167 11.13 15.43 17.10
CA LEU A 167 10.95 16.78 16.60
C LEU A 167 9.54 17.00 16.07
N THR A 168 8.96 15.98 15.43
CA THR A 168 7.59 16.12 14.95
C THR A 168 6.61 16.26 16.11
N VAL A 169 6.83 15.51 17.19
CA VAL A 169 5.98 15.68 18.36
C VAL A 169 6.10 17.08 18.91
N PHE A 170 7.32 17.61 18.94
CA PHE A 170 7.52 18.98 19.41
C PHE A 170 6.86 20.01 18.50
N SER A 171 6.91 19.78 17.19
CA SER A 171 6.48 20.76 16.19
C SER A 171 5.01 20.65 15.83
N THR A 172 4.31 19.63 16.32
CA THR A 172 2.87 19.56 16.06
C THR A 172 2.15 20.80 16.58
N LEU A 173 2.53 21.27 17.77
CA LEU A 173 1.89 22.46 18.33
C LEU A 173 2.15 23.69 17.47
N LEU A 174 3.40 23.85 17.01
CA LEU A 174 3.73 24.99 16.17
C LEU A 174 2.95 24.94 14.86
N LEU A 175 2.83 23.75 14.27
CA LEU A 175 2.06 23.63 13.03
C LEU A 175 0.59 23.96 13.28
N LEU A 176 0.04 23.52 14.41
CA LEU A 176 -1.35 23.84 14.71
C LEU A 176 -1.54 25.34 14.87
N GLY A 177 -0.62 26.01 15.56
CA GLY A 177 -0.71 27.45 15.69
C GLY A 177 -0.64 28.16 14.36
N VAL A 178 0.27 27.72 13.48
CA VAL A 178 0.39 28.33 12.16
C VAL A 178 -0.90 28.11 11.37
N GLN A 179 -1.48 26.91 11.45
CA GLN A 179 -2.75 26.64 10.78
C GLN A 179 -3.84 27.57 11.29
N ARG A 180 -3.88 27.80 12.61
CA ARG A 180 -4.85 28.73 13.16
C ARG A 180 -4.62 30.15 12.64
N PHE A 181 -3.36 30.57 12.54
CA PHE A 181 -3.08 31.94 12.15
C PHE A 181 -3.48 32.22 10.70
N GLY A 182 -3.05 31.36 9.77
CA GLY A 182 -3.30 31.56 8.35
C GLY A 182 -4.19 30.48 7.78
N ALA A 183 -5.00 30.84 6.80
CA ALA A 183 -5.94 29.91 6.21
C ALA A 183 -5.71 29.75 4.70
N ARG A 184 -5.44 30.86 4.01
CA ARG A 184 -5.11 30.78 2.58
C ARG A 184 -3.65 30.44 2.36
N LYS A 185 -2.78 30.77 3.32
CA LYS A 185 -1.37 30.40 3.20
C LYS A 185 -1.21 28.89 3.14
N LEU A 186 -1.98 28.16 3.96
CA LEU A 186 -1.95 26.70 3.89
C LEU A 186 -2.42 26.20 2.54
N GLU A 187 -3.47 26.80 1.99
CA GLU A 187 -3.95 26.39 0.67
C GLU A 187 -2.89 26.60 -0.39
N PHE A 188 -2.22 27.75 -0.37
CA PHE A 188 -1.15 27.98 -1.34
C PHE A 188 0.00 27.03 -1.13
N ILE A 189 0.32 26.71 0.14
CA ILE A 189 1.41 25.78 0.41
C ILE A 189 1.10 24.41 -0.16
N ILE A 190 -0.12 23.93 0.04
CA ILE A 190 -0.49 22.62 -0.50
C ILE A 190 -0.48 22.64 -2.02
N ALA A 191 -0.98 23.73 -2.63
CA ALA A 191 -0.96 23.82 -4.09
C ALA A 191 0.46 23.83 -4.62
N ALA A 192 1.37 24.57 -3.97
CA ALA A 192 2.75 24.62 -4.41
C ALA A 192 3.43 23.27 -4.23
N PHE A 193 3.17 22.58 -3.12
CA PHE A 193 3.73 21.25 -2.93
C PHE A 193 3.23 20.29 -4.01
N MET A 194 1.93 20.34 -4.32
CA MET A 194 1.41 19.47 -5.37
C MET A 194 2.05 19.80 -6.71
N PHE A 195 2.25 21.08 -7.00
CA PHE A 195 2.89 21.46 -8.25
C PHE A 195 4.33 20.97 -8.30
N THR A 196 5.06 21.08 -7.18
CA THR A 196 6.44 20.60 -7.16
C THR A 196 6.49 19.09 -7.37
N MET A 197 5.63 18.35 -6.68
CA MET A 197 5.63 16.90 -6.87
C MET A 197 5.29 16.55 -8.31
N ALA A 198 4.26 17.19 -8.86
CA ALA A 198 3.88 16.92 -10.24
C ALA A 198 5.01 17.22 -11.20
N ALA A 199 5.62 18.41 -11.08
CA ALA A 199 6.70 18.77 -11.98
C ALA A 199 7.88 17.82 -11.86
N CYS A 200 8.31 17.54 -10.62
CA CYS A 200 9.46 16.66 -10.43
C CYS A 200 9.21 15.29 -11.02
N PHE A 201 8.08 14.67 -10.68
CA PHE A 201 7.83 13.31 -11.11
C PHE A 201 7.52 13.23 -12.59
N PHE A 202 6.84 14.23 -13.15
CA PHE A 202 6.59 14.22 -14.59
C PHE A 202 7.87 14.42 -15.38
N GLY A 203 8.76 15.29 -14.91
CA GLY A 203 10.06 15.41 -15.57
C GLY A 203 10.86 14.13 -15.47
N GLU A 204 10.85 13.49 -14.31
CA GLU A 204 11.53 12.21 -14.16
C GLU A 204 10.96 11.17 -15.11
N LEU A 205 9.63 11.12 -15.22
CA LEU A 205 9.00 10.17 -16.13
C LEU A 205 9.38 10.46 -17.57
N SER A 206 9.38 11.74 -17.97
CA SER A 206 9.76 12.08 -19.33
C SER A 206 11.19 11.64 -19.62
N TYR A 207 12.11 11.87 -18.67
CA TYR A 207 13.47 11.42 -18.87
C TYR A 207 13.53 9.90 -18.99
N LEU A 208 12.71 9.19 -18.21
CA LEU A 208 12.78 7.73 -18.17
C LEU A 208 12.30 7.13 -19.49
N ARG A 209 11.13 7.55 -19.97
CA ARG A 209 10.57 6.98 -21.18
C ARG A 209 10.32 5.49 -21.00
N PRO A 210 9.33 5.09 -20.21
CA PRO A 210 9.02 3.67 -20.03
C PRO A 210 8.31 3.10 -21.25
N SER A 211 7.88 1.84 -21.18
CA SER A 211 7.16 1.21 -22.28
C SER A 211 5.66 1.40 -22.07
N ALA A 212 5.02 2.14 -22.98
CA ALA A 212 3.60 2.43 -22.82
C ALA A 212 2.75 1.17 -22.88
N LYS A 213 3.11 0.24 -23.78
CA LYS A 213 2.33 -0.99 -23.90
C LYS A 213 2.32 -1.76 -22.58
N GLU A 214 3.48 -1.90 -21.94
CA GLU A 214 3.55 -2.61 -20.68
C GLU A 214 2.78 -1.88 -19.60
N VAL A 215 2.83 -0.55 -19.58
CA VAL A 215 2.09 0.21 -18.57
C VAL A 215 0.61 -0.03 -18.72
N VAL A 216 0.09 0.02 -19.95
CA VAL A 216 -1.34 -0.19 -20.15
C VAL A 216 -1.72 -1.62 -19.78
N LYS A 217 -0.90 -2.60 -20.20
CA LYS A 217 -1.21 -3.99 -19.89
C LYS A 217 -1.22 -4.24 -18.39
N GLY A 218 -0.36 -3.53 -17.65
CA GLY A 218 -0.35 -3.67 -16.21
C GLY A 218 -1.45 -2.91 -15.51
N MET A 219 -1.92 -1.82 -16.11
CA MET A 219 -2.92 -0.99 -15.46
C MET A 219 -4.35 -1.40 -15.73
N PHE A 220 -4.62 -2.05 -16.87
CA PHE A 220 -5.96 -2.48 -17.20
C PHE A 220 -6.14 -3.98 -17.15
N VAL A 221 -5.20 -4.72 -16.59
CA VAL A 221 -5.30 -6.17 -16.48
C VAL A 221 -4.95 -6.58 -15.05
N PRO A 222 -5.91 -6.52 -14.13
CA PRO A 222 -5.58 -6.81 -12.72
C PRO A 222 -5.02 -8.21 -12.55
N SER A 223 -4.00 -8.33 -11.70
CA SER A 223 -3.40 -9.63 -11.40
C SER A 223 -2.57 -9.51 -10.13
N LEU A 224 -2.98 -10.23 -9.09
CA LEU A 224 -2.27 -10.23 -7.81
C LEU A 224 -1.27 -11.38 -7.78
N GLN A 225 -0.29 -11.28 -8.67
CA GLN A 225 0.62 -12.39 -8.93
C GLN A 225 1.60 -12.52 -7.77
N GLY A 226 1.11 -13.15 -6.70
CA GLY A 226 1.95 -13.44 -5.55
C GLY A 226 1.38 -12.95 -4.24
N LYS A 227 1.78 -13.54 -3.12
CA LYS A 227 1.33 -13.04 -1.83
C LYS A 227 1.82 -11.63 -1.59
N GLY A 228 3.08 -11.36 -1.93
CA GLY A 228 3.59 -10.01 -1.77
C GLY A 228 2.78 -8.99 -2.55
N ALA A 229 2.33 -9.38 -3.74
CA ALA A 229 1.45 -8.50 -4.52
C ALA A 229 0.13 -8.28 -3.79
N ALA A 230 -0.41 -9.32 -3.14
CA ALA A 230 -1.63 -9.11 -2.37
C ALA A 230 -1.39 -8.14 -1.23
N ALA A 231 -0.25 -8.26 -0.55
CA ALA A 231 0.04 -7.35 0.54
C ALA A 231 0.13 -5.91 0.05
N ASN A 232 0.83 -5.70 -1.06
CA ASN A 232 0.97 -4.33 -1.57
C ASN A 232 -0.33 -3.81 -2.15
N ALA A 233 -1.17 -4.66 -2.74
CA ALA A 233 -2.47 -4.21 -3.22
C ALA A 233 -3.36 -3.79 -2.06
N ILE A 234 -3.36 -4.57 -0.98
CA ILE A 234 -4.14 -4.17 0.20
C ILE A 234 -3.58 -2.89 0.79
N ALA A 235 -2.25 -2.75 0.83
CA ALA A 235 -1.66 -1.53 1.36
C ALA A 235 -2.08 -0.33 0.53
N LEU A 236 -2.06 -0.46 -0.79
CA LEU A 236 -2.47 0.64 -1.66
C LEU A 236 -3.95 0.97 -1.47
N PHE A 237 -4.80 -0.05 -1.34
CA PHE A 237 -6.20 0.19 -1.07
C PHE A 237 -6.39 0.94 0.24
N GLY A 238 -5.65 0.57 1.27
CA GLY A 238 -5.76 1.27 2.53
C GLY A 238 -5.30 2.71 2.43
N ALA A 239 -4.19 2.95 1.73
CA ALA A 239 -3.64 4.29 1.66
C ALA A 239 -4.44 5.21 0.74
N ILE A 240 -5.25 4.65 -0.15
CA ILE A 240 -6.02 5.45 -1.08
C ILE A 240 -7.47 5.60 -0.64
N ILE A 241 -8.11 4.52 -0.19
CA ILE A 241 -9.49 4.59 0.28
C ILE A 241 -9.59 5.44 1.54
N THR A 242 -8.69 5.21 2.50
CA THR A 242 -8.62 5.94 3.76
C THR A 242 -10.02 6.07 4.39
N PRO A 243 -10.55 4.98 4.96
CA PRO A 243 -11.95 5.00 5.41
C PRO A 243 -12.29 6.11 6.39
N TYR A 244 -11.40 6.43 7.32
CA TYR A 244 -11.74 7.41 8.34
C TYR A 244 -12.16 8.74 7.73
N ASN A 245 -11.62 9.07 6.55
CA ASN A 245 -11.96 10.34 5.92
C ASN A 245 -13.46 10.49 5.70
N LEU A 246 -14.18 9.38 5.55
CA LEU A 246 -15.63 9.45 5.44
C LEU A 246 -16.20 10.23 6.61
N PHE A 247 -15.84 9.84 7.83
CA PHE A 247 -16.33 10.54 9.01
C PHE A 247 -16.03 12.03 8.92
N LEU A 248 -14.87 12.38 8.36
CA LEU A 248 -14.55 13.79 8.16
C LEU A 248 -15.37 14.39 7.01
N HIS A 249 -15.46 13.68 5.89
CA HIS A 249 -15.98 14.31 4.68
C HIS A 249 -17.44 14.71 4.85
N SER A 250 -18.24 13.86 5.49
CA SER A 250 -19.62 14.24 5.77
C SER A 250 -19.67 15.57 6.49
N ALA A 251 -18.78 15.78 7.47
CA ALA A 251 -18.76 17.04 8.20
C ALA A 251 -18.58 18.23 7.26
N LEU A 252 -17.80 18.06 6.19
CA LEU A 252 -17.58 19.18 5.28
C LEU A 252 -18.86 19.68 4.64
N VAL A 253 -19.92 18.86 4.63
CA VAL A 253 -21.19 19.29 4.08
C VAL A 253 -22.20 19.70 5.17
N LEU A 254 -21.84 19.53 6.44
CA LEU A 254 -22.73 19.96 7.52
C LEU A 254 -22.95 21.46 7.53
N SER A 255 -22.06 22.24 6.90
CA SER A 255 -22.19 23.69 6.91
C SER A 255 -23.49 24.12 6.23
N ARG A 256 -23.82 23.52 5.10
CA ARG A 256 -25.03 23.87 4.36
C ARG A 256 -25.73 22.64 3.81
N CYS A 269 -24.83 19.50 -7.57
CA CYS A 269 -23.65 20.34 -7.74
C CYS A 269 -22.75 19.81 -8.84
N ARG A 270 -23.14 20.06 -10.09
CA ARG A 270 -22.35 19.59 -11.22
C ARG A 270 -20.96 20.21 -11.24
N TYR A 271 -20.88 21.52 -10.98
CA TYR A 271 -19.57 22.19 -10.98
C TYR A 271 -18.70 21.70 -9.83
N PHE A 272 -19.30 21.52 -8.65
CA PHE A 272 -18.54 20.97 -7.53
C PHE A 272 -18.02 19.58 -7.83
N LEU A 273 -18.87 18.73 -8.44
CA LEU A 273 -18.43 17.40 -8.82
C LEU A 273 -17.32 17.46 -9.86
N ILE A 274 -17.40 18.38 -10.81
CA ILE A 274 -16.36 18.50 -11.82
C ILE A 274 -15.04 18.93 -11.18
N GLU A 275 -15.09 19.88 -10.24
CA GLU A 275 -13.88 20.29 -9.55
C GLU A 275 -13.29 19.14 -8.74
N CYS A 276 -14.14 18.38 -8.04
CA CYS A 276 -13.65 17.23 -7.29
C CYS A 276 -13.02 16.21 -8.21
N SER A 277 -13.63 15.97 -9.38
CA SER A 277 -13.08 15.03 -10.33
C SER A 277 -11.75 15.51 -10.89
N LEU A 278 -11.61 16.82 -11.10
CA LEU A 278 -10.32 17.34 -11.54
C LEU A 278 -9.25 17.15 -10.49
N ALA A 279 -9.58 17.44 -9.23
CA ALA A 279 -8.61 17.21 -8.16
C ALA A 279 -8.21 15.75 -8.09
N PHE A 280 -9.19 14.86 -8.20
CA PHE A 280 -8.91 13.43 -8.14
C PHE A 280 -8.09 12.98 -9.34
N ILE A 281 -8.34 13.56 -10.52
CA ILE A 281 -7.56 13.18 -11.69
C ILE A 281 -6.12 13.62 -11.53
N VAL A 282 -5.89 14.80 -10.96
CA VAL A 282 -4.52 15.24 -10.70
C VAL A 282 -3.84 14.32 -9.69
N ALA A 283 -4.56 13.96 -8.61
CA ALA A 283 -3.97 13.08 -7.62
C ALA A 283 -3.67 11.71 -8.20
N PHE A 284 -4.59 11.16 -9.00
CA PHE A 284 -4.37 9.86 -9.62
C PHE A 284 -3.22 9.92 -10.61
N LEU A 285 -3.10 11.01 -11.37
CA LEU A 285 -1.98 11.15 -12.27
C LEU A 285 -0.66 11.17 -11.51
N ILE A 286 -0.62 11.89 -10.39
CA ILE A 286 0.61 11.93 -9.60
C ILE A 286 0.94 10.54 -9.06
N ASN A 287 -0.06 9.83 -8.55
CA ASN A 287 0.19 8.50 -7.99
C ASN A 287 0.66 7.53 -9.07
N VAL A 288 0.02 7.55 -10.23
CA VAL A 288 0.48 6.69 -11.33
C VAL A 288 1.89 7.07 -11.74
N SER A 289 2.19 8.36 -11.74
CA SER A 289 3.54 8.78 -12.10
C SER A 289 4.56 8.26 -11.11
N VAL A 290 4.24 8.30 -9.81
CA VAL A 290 5.18 7.78 -8.81
C VAL A 290 5.36 6.29 -9.00
N VAL A 291 4.28 5.55 -9.20
CA VAL A 291 4.40 4.10 -9.37
C VAL A 291 5.24 3.78 -10.60
N VAL A 292 4.96 4.45 -11.72
CA VAL A 292 5.69 4.18 -12.95
C VAL A 292 7.16 4.54 -12.80
N VAL A 293 7.46 5.69 -12.18
CA VAL A 293 8.84 6.13 -12.04
C VAL A 293 9.63 5.17 -11.16
N ALA A 294 9.06 4.81 -10.00
CA ALA A 294 9.74 3.84 -9.15
C ALA A 294 9.94 2.53 -9.89
N GLY A 295 8.91 2.06 -10.58
CA GLY A 295 9.01 0.78 -11.26
C GLY A 295 10.08 0.78 -12.34
N THR A 296 10.14 1.84 -13.14
CA THR A 296 11.08 1.87 -14.24
C THR A 296 12.51 2.06 -13.74
N ILE A 297 12.73 2.99 -12.81
CA ILE A 297 14.10 3.25 -12.38
C ILE A 297 14.65 2.10 -11.56
N CYS A 298 13.86 1.58 -10.62
CA CYS A 298 14.36 0.49 -9.77
C CYS A 298 14.64 -0.78 -10.59
N ASN A 299 13.77 -1.08 -11.56
CA ASN A 299 13.93 -2.32 -12.33
C ASN A 299 14.83 -2.10 -13.53
N ALA A 300 14.43 -1.22 -14.44
CA ALA A 300 15.21 -0.86 -15.63
C ALA A 300 15.69 -2.15 -16.29
N ASP A 301 16.93 -2.20 -16.77
CA ASP A 301 17.47 -3.42 -17.35
C ASP A 301 18.82 -3.76 -16.73
N ASN A 302 19.61 -2.73 -16.43
CA ASN A 302 20.92 -2.90 -15.81
C ASN A 302 21.11 -1.80 -14.79
N LEU A 303 21.55 -2.16 -13.59
CA LEU A 303 21.67 -1.23 -12.48
C LEU A 303 23.02 -1.42 -11.79
N SER A 304 23.50 -0.32 -11.21
CA SER A 304 24.70 -0.40 -10.39
C SER A 304 24.39 -1.17 -9.11
N PRO A 305 25.38 -1.84 -8.52
CA PRO A 305 25.12 -2.55 -7.27
C PRO A 305 24.56 -1.66 -6.18
N THR A 306 25.03 -0.41 -6.10
CA THR A 306 24.48 0.52 -5.12
C THR A 306 23.00 0.79 -5.38
N ASP A 307 22.64 0.96 -6.65
CA ASP A 307 21.24 1.20 -6.98
C ASP A 307 20.37 -0.02 -6.63
N SER A 308 20.87 -1.23 -6.91
CA SER A 308 20.11 -2.42 -6.54
C SER A 308 19.94 -2.52 -5.03
N ASN A 309 21.01 -2.25 -4.28
CA ASN A 309 20.91 -2.32 -2.82
C ASN A 309 19.94 -1.28 -2.29
N THR A 310 19.94 -0.08 -2.86
CA THR A 310 18.99 0.94 -2.43
C THR A 310 17.57 0.58 -2.82
N CYS A 311 17.38 -0.05 -3.97
CA CYS A 311 16.03 -0.40 -4.41
C CYS A 311 15.48 -1.57 -3.62
N SER A 312 16.34 -2.43 -3.10
CA SER A 312 15.86 -3.59 -2.34
C SER A 312 14.97 -3.16 -1.18
N ASP A 313 15.47 -2.24 -0.35
CA ASP A 313 14.70 -1.77 0.80
C ASP A 313 13.82 -0.58 0.45
N LEU A 314 14.43 0.50 -0.05
CA LEU A 314 13.69 1.64 -0.60
C LEU A 314 12.73 2.22 0.43
N THR A 315 13.30 2.79 1.49
CA THR A 315 12.52 3.49 2.49
C THR A 315 12.05 4.83 1.93
N LEU A 316 11.43 5.64 2.79
CA LEU A 316 11.01 6.98 2.41
C LEU A 316 12.18 7.96 2.33
N GLN A 317 13.37 7.58 2.79
CA GLN A 317 14.54 8.45 2.73
C GLN A 317 15.47 8.11 1.57
N SER A 318 15.23 7.00 0.87
CA SER A 318 15.98 6.68 -0.35
C SER A 318 15.26 7.14 -1.60
N ALA A 319 14.10 7.77 -1.47
CA ALA A 319 13.42 8.31 -2.64
C ALA A 319 14.30 9.26 -3.44
N PRO A 320 15.11 10.14 -2.83
CA PRO A 320 15.95 11.05 -3.62
C PRO A 320 16.61 10.37 -4.81
N MET A 321 16.88 9.08 -4.70
CA MET A 321 17.42 8.35 -5.84
C MET A 321 16.46 8.36 -7.02
N LEU A 322 15.17 8.55 -6.77
CA LEU A 322 14.19 8.55 -7.86
C LEU A 322 14.32 9.80 -8.73
N LEU A 323 14.42 10.97 -8.12
CA LEU A 323 14.38 12.23 -8.83
C LEU A 323 15.76 12.69 -9.30
N ARG A 324 16.80 11.88 -9.09
CA ARG A 324 18.15 12.33 -9.41
C ARG A 324 18.27 12.72 -10.89
N ASN A 325 17.52 12.06 -11.77
CA ASN A 325 17.62 12.37 -13.19
C ASN A 325 17.14 13.79 -13.48
N VAL A 326 16.05 14.22 -12.86
CA VAL A 326 15.43 15.50 -13.17
C VAL A 326 15.77 16.59 -12.17
N LEU A 327 16.65 16.31 -11.21
CA LEU A 327 17.10 17.33 -10.26
C LEU A 327 18.61 17.43 -10.13
N GLY A 328 19.38 16.40 -10.51
CA GLY A 328 20.82 16.51 -10.55
C GLY A 328 21.48 16.70 -9.20
N ARG A 329 21.44 15.66 -8.36
CA ARG A 329 22.10 15.61 -7.07
C ARG A 329 21.67 16.73 -6.13
N SER A 330 20.68 17.53 -6.53
CA SER A 330 20.07 18.53 -5.66
C SER A 330 18.67 18.13 -5.24
N SER A 331 18.28 16.88 -5.50
CA SER A 331 16.93 16.42 -5.19
C SER A 331 16.72 16.19 -3.70
N SER A 332 17.79 16.07 -2.91
CA SER A 332 17.62 15.77 -1.50
C SER A 332 16.80 16.85 -0.80
N VAL A 333 17.20 18.12 -0.94
CA VAL A 333 16.52 19.19 -0.23
C VAL A 333 15.09 19.34 -0.73
N VAL A 334 14.90 19.35 -2.04
CA VAL A 334 13.55 19.54 -2.60
C VAL A 334 12.63 18.40 -2.18
N TYR A 335 13.13 17.17 -2.24
CA TYR A 335 12.31 16.03 -1.85
C TYR A 335 11.98 16.06 -0.37
N ALA A 336 12.96 16.41 0.47
CA ALA A 336 12.68 16.50 1.90
C ALA A 336 11.63 17.55 2.18
N VAL A 337 11.72 18.70 1.51
CA VAL A 337 10.72 19.75 1.72
C VAL A 337 9.35 19.28 1.28
N ALA A 338 9.28 18.61 0.12
CA ALA A 338 7.99 18.10 -0.33
C ALA A 338 7.40 17.13 0.67
N LEU A 339 8.22 16.21 1.18
CA LEU A 339 7.74 15.24 2.15
C LEU A 339 7.24 15.91 3.42
N LEU A 340 8.00 16.87 3.95
CA LEU A 340 7.62 17.54 5.18
C LEU A 340 6.31 18.29 4.99
N ALA A 341 6.17 19.02 3.89
CA ALA A 341 4.93 19.76 3.65
C ALA A 341 3.75 18.80 3.54
N SER A 342 3.92 17.70 2.82
CA SER A 342 2.83 16.74 2.66
C SER A 342 2.40 16.15 4.00
N GLY A 343 3.38 15.73 4.82
CA GLY A 343 3.04 15.16 6.10
C GLY A 343 2.32 16.14 7.01
N GLN A 344 2.83 17.37 7.09
CA GLN A 344 2.19 18.35 7.95
C GLN A 344 0.77 18.66 7.48
N SER A 345 0.58 18.81 6.17
CA SER A 345 -0.76 19.11 5.66
C SER A 345 -1.72 17.96 5.91
N THR A 346 -1.24 16.71 5.77
CA THR A 346 -2.11 15.59 6.07
C THR A 346 -2.52 15.58 7.54
N THR A 347 -1.58 15.89 8.45
CA THR A 347 -1.95 15.99 9.86
C THR A 347 -3.00 17.08 10.07
N ILE A 348 -2.82 18.23 9.41
CA ILE A 348 -3.80 19.30 9.56
C ILE A 348 -5.18 18.84 9.11
N SER A 349 -5.26 18.15 7.97
CA SER A 349 -6.56 17.67 7.51
C SER A 349 -7.15 16.63 8.45
N CYS A 350 -6.33 15.70 8.94
CA CYS A 350 -6.84 14.61 9.77
C CYS A 350 -7.23 15.07 11.18
N THR A 351 -6.73 16.23 11.62
CA THR A 351 -7.19 16.76 12.90
C THR A 351 -8.70 16.98 12.90
N PHE A 352 -9.23 17.56 11.81
CA PHE A 352 -10.67 17.77 11.72
C PHE A 352 -11.43 16.45 11.73
N ALA A 353 -10.90 15.44 11.04
CA ALA A 353 -11.55 14.13 11.03
C ALA A 353 -11.58 13.52 12.43
N GLY A 354 -10.48 13.62 13.16
CA GLY A 354 -10.47 13.12 14.53
C GLY A 354 -11.47 13.85 15.41
N GLN A 355 -11.52 15.17 15.29
CA GLN A 355 -12.48 15.95 16.06
C GLN A 355 -13.91 15.54 15.74
N VAL A 356 -14.21 15.34 14.45
CA VAL A 356 -15.57 14.97 14.08
C VAL A 356 -15.92 13.58 14.59
N ILE A 357 -14.99 12.63 14.49
CA ILE A 357 -15.24 11.29 15.03
C ILE A 357 -15.57 11.38 16.51
N MET A 358 -14.74 12.11 17.27
CA MET A 358 -14.94 12.19 18.71
C MET A 358 -16.27 12.88 19.03
N GLN A 359 -16.60 13.95 18.30
CA GLN A 359 -17.81 14.71 18.59
C GLN A 359 -19.08 14.07 18.06
N GLY A 360 -18.96 13.06 17.21
CA GLY A 360 -20.14 12.39 16.69
C GLY A 360 -20.43 11.06 17.32
N PHE A 361 -19.40 10.23 17.53
CA PHE A 361 -19.65 8.89 18.03
C PHE A 361 -20.07 8.88 19.49
N LEU A 362 -19.60 9.84 20.28
CA LEU A 362 -19.92 9.89 21.70
C LEU A 362 -20.30 11.28 22.20
N ASP A 363 -20.27 12.29 21.34
CA ASP A 363 -20.63 13.66 21.68
C ASP A 363 -19.70 14.29 22.69
N MET A 364 -18.64 13.60 23.10
CA MET A 364 -17.68 14.13 24.05
C MET A 364 -16.85 15.20 23.37
N LYS A 365 -17.23 16.47 23.54
CA LYS A 365 -16.53 17.56 22.89
C LYS A 365 -15.06 17.57 23.32
N MET A 366 -14.16 17.68 22.35
CA MET A 366 -12.74 17.72 22.60
C MET A 366 -12.11 18.83 21.77
N LYS A 367 -11.21 19.59 22.38
CA LYS A 367 -10.51 20.64 21.64
C LYS A 367 -9.68 20.04 20.54
N ASN A 368 -9.59 20.75 19.41
CA ASN A 368 -8.85 20.21 18.27
C ASN A 368 -7.38 19.98 18.63
N TRP A 369 -6.77 20.94 19.34
CA TRP A 369 -5.36 20.79 19.68
C TRP A 369 -5.14 19.61 20.63
N VAL A 370 -6.05 19.41 21.59
CA VAL A 370 -5.92 18.29 22.52
C VAL A 370 -6.04 16.97 21.78
N ARG A 371 -7.03 16.86 20.90
CA ARG A 371 -7.19 15.63 20.13
C ARG A 371 -5.96 15.38 19.26
N ASN A 372 -5.43 16.42 18.62
CA ASN A 372 -4.25 16.25 17.79
C ASN A 372 -3.06 15.81 18.62
N LEU A 373 -2.87 16.41 19.80
CA LEU A 373 -1.75 16.00 20.65
C LEU A 373 -1.89 14.55 21.08
N ILE A 374 -3.10 14.13 21.47
CA ILE A 374 -3.29 12.74 21.88
C ILE A 374 -3.00 11.80 20.73
N THR A 375 -3.51 12.13 19.54
CA THR A 375 -3.26 11.27 18.39
C THR A 375 -1.78 11.20 18.06
N ARG A 376 -1.08 12.33 18.11
CA ARG A 376 0.33 12.33 17.78
C ARG A 376 1.15 11.55 18.78
N VAL A 377 0.80 11.64 20.08
CA VAL A 377 1.53 10.85 21.07
C VAL A 377 1.26 9.37 20.90
N ILE A 378 0.00 8.99 20.69
CA ILE A 378 -0.31 7.57 20.49
C ILE A 378 0.38 7.05 19.25
N ALA A 379 0.52 7.88 18.22
CA ALA A 379 1.21 7.44 17.01
C ALA A 379 2.71 7.36 17.22
N ILE A 380 3.29 8.31 17.93
CA ILE A 380 4.74 8.30 18.13
C ILE A 380 5.16 7.11 18.97
N ALA A 381 4.33 6.69 19.92
CA ALA A 381 4.71 5.53 20.73
C ALA A 381 5.19 4.39 19.83
N PRO A 382 4.34 3.86 18.95
CA PRO A 382 4.79 2.75 18.10
C PRO A 382 5.81 3.16 17.06
N SER A 383 5.64 4.33 16.43
CA SER A 383 6.63 4.75 15.43
C SER A 383 7.99 4.97 16.07
N LEU A 384 8.03 5.60 17.24
CA LEU A 384 9.30 5.80 17.93
C LEU A 384 9.91 4.46 18.36
N ILE A 385 9.08 3.54 18.86
CA ILE A 385 9.62 2.24 19.25
C ILE A 385 10.21 1.52 18.06
N VAL A 386 9.52 1.55 16.92
CA VAL A 386 10.00 0.89 15.71
C VAL A 386 11.29 1.53 15.23
N SER A 387 11.35 2.87 15.21
CA SER A 387 12.56 3.55 14.75
C SER A 387 13.74 3.25 15.67
N ILE A 388 13.50 3.17 16.98
CA ILE A 388 14.59 2.82 17.90
C ILE A 388 15.06 1.40 17.67
N VAL A 389 14.12 0.45 17.61
CA VAL A 389 14.48 -0.95 17.42
C VAL A 389 15.00 -1.20 16.01
N SER A 390 14.33 -0.64 15.01
CA SER A 390 14.71 -0.82 13.61
C SER A 390 14.85 0.53 12.94
N GLY A 391 15.74 0.60 11.96
CA GLY A 391 16.04 1.84 11.28
C GLY A 391 14.98 2.22 10.27
N PRO A 392 15.37 2.98 9.25
CA PRO A 392 14.39 3.43 8.25
C PRO A 392 13.64 2.30 7.57
N SER A 393 14.27 1.14 7.37
CA SER A 393 13.53 0.02 6.79
C SER A 393 12.38 -0.40 7.70
N GLY A 394 12.62 -0.39 9.02
CA GLY A 394 11.55 -0.67 9.96
C GLY A 394 10.42 0.34 9.86
N ALA A 395 10.78 1.63 9.69
CA ALA A 395 9.75 2.65 9.56
C ALA A 395 8.95 2.45 8.28
N GLY A 396 9.61 2.05 7.19
CA GLY A 396 8.87 1.74 5.97
C GLY A 396 7.92 0.58 6.15
N LYS A 397 8.37 -0.46 6.84
CA LYS A 397 7.49 -1.58 7.13
C LYS A 397 6.31 -1.13 7.98
N LEU A 398 6.54 -0.23 8.94
CA LEU A 398 5.46 0.26 9.77
C LEU A 398 4.47 1.09 8.97
N ILE A 399 4.95 1.89 8.01
CA ILE A 399 4.04 2.65 7.16
C ILE A 399 3.16 1.71 6.34
N ILE A 400 3.77 0.67 5.75
CA ILE A 400 2.98 -0.29 4.99
C ILE A 400 1.97 -0.98 5.90
N PHE A 401 2.38 -1.34 7.12
CA PHE A 401 1.46 -2.01 8.04
C PHE A 401 0.31 -1.10 8.44
N SER A 402 0.58 0.18 8.67
CA SER A 402 -0.49 1.11 9.00
C SER A 402 -1.48 1.23 7.84
N SER A 403 -0.98 1.31 6.61
CA SER A 403 -1.89 1.32 5.47
C SER A 403 -2.71 0.04 5.41
N MET A 404 -2.08 -1.10 5.69
CA MET A 404 -2.82 -2.36 5.67
C MET A 404 -3.93 -2.37 6.72
N VAL A 405 -3.65 -1.86 7.91
CA VAL A 405 -4.68 -1.82 8.95
C VAL A 405 -5.82 -0.90 8.52
N LEU A 406 -5.50 0.23 7.91
CA LEU A 406 -6.55 1.10 7.38
C LEU A 406 -7.43 0.35 6.41
N SER A 407 -6.84 -0.39 5.47
CA SER A 407 -7.63 -1.14 4.52
C SER A 407 -8.47 -2.21 5.22
N PHE A 408 -7.89 -2.87 6.22
CA PHE A 408 -8.60 -3.94 6.91
C PHE A 408 -9.84 -3.43 7.63
N GLU A 409 -9.73 -2.28 8.30
CA GLU A 409 -10.87 -1.78 9.06
C GLU A 409 -11.68 -0.74 8.30
N MET A 410 -11.40 -0.52 7.02
CA MET A 410 -12.30 0.27 6.20
C MET A 410 -13.73 -0.26 6.18
N PRO A 411 -13.98 -1.56 6.07
CA PRO A 411 -15.38 -2.02 5.93
C PRO A 411 -16.27 -1.57 7.07
N PHE A 412 -15.77 -1.46 8.29
CA PHE A 412 -16.64 -1.07 9.40
C PHE A 412 -17.13 0.35 9.25
N ALA A 413 -16.31 1.24 8.70
CA ALA A 413 -16.71 2.61 8.46
C ALA A 413 -17.29 2.83 7.08
N LEU A 414 -17.33 1.80 6.23
CA LEU A 414 -17.96 1.91 4.92
C LEU A 414 -19.34 1.26 4.86
N ILE A 415 -19.54 0.13 5.54
CA ILE A 415 -20.83 -0.56 5.48
C ILE A 415 -21.96 0.33 6.02
N PRO A 416 -21.81 0.97 7.19
CA PRO A 416 -22.89 1.86 7.64
C PRO A 416 -23.24 2.93 6.62
N LEU A 417 -22.25 3.45 5.90
CA LEU A 417 -22.53 4.51 4.93
C LEU A 417 -23.43 4.00 3.82
N LEU A 418 -23.09 2.85 3.21
CA LEU A 418 -23.92 2.30 2.15
C LEU A 418 -25.30 1.93 2.69
N LYS A 419 -25.35 1.34 3.88
CA LYS A 419 -26.64 0.94 4.43
C LYS A 419 -27.54 2.14 4.65
N PHE A 420 -26.99 3.23 5.18
CA PHE A 420 -27.79 4.44 5.40
C PHE A 420 -28.18 5.09 4.09
N CYS A 421 -27.30 5.06 3.09
CA CYS A 421 -27.65 5.60 1.78
C CYS A 421 -28.84 4.84 1.19
N ASN A 422 -28.82 3.51 1.30
CA ASN A 422 -29.94 2.73 0.79
C ASN A 422 -31.19 2.94 1.62
N SER A 423 -31.06 2.85 2.96
CA SER A 423 -32.22 2.88 3.84
C SER A 423 -33.02 4.15 3.63
N SER A 424 -34.26 4.01 3.14
CA SER A 424 -35.10 5.18 2.91
C SER A 424 -35.49 5.84 4.22
N LYS A 425 -35.53 5.08 5.32
CA LYS A 425 -35.94 5.65 6.59
C LYS A 425 -34.99 6.74 7.04
N LYS A 426 -33.68 6.45 7.05
CA LYS A 426 -32.71 7.43 7.52
C LYS A 426 -32.49 8.53 6.49
N VAL A 427 -32.40 8.18 5.21
CA VAL A 427 -32.16 9.18 4.17
C VAL A 427 -33.44 9.86 3.70
N GLY A 428 -34.60 9.35 4.08
CA GLY A 428 -35.86 9.95 3.69
C GLY A 428 -36.23 9.63 2.25
N PRO A 429 -37.15 10.42 1.69
CA PRO A 429 -37.59 10.14 0.31
C PRO A 429 -36.45 10.18 -0.69
N LEU A 430 -35.48 11.08 -0.51
CA LEU A 430 -34.35 11.15 -1.42
C LEU A 430 -33.52 9.87 -1.31
N LYS A 431 -33.11 9.34 -2.45
CA LYS A 431 -32.32 8.12 -2.50
C LYS A 431 -31.18 8.29 -3.49
N GLU A 432 -30.03 7.71 -3.18
CA GLU A 432 -28.89 7.75 -4.08
C GLU A 432 -29.13 6.82 -5.27
N SER A 433 -28.41 7.10 -6.36
CA SER A 433 -28.55 6.29 -7.56
C SER A 433 -28.28 4.83 -7.24
N ILE A 434 -29.16 3.95 -7.71
CA ILE A 434 -29.03 2.54 -7.37
C ILE A 434 -27.75 1.97 -7.95
N TYR A 435 -27.34 2.43 -9.13
CA TYR A 435 -26.14 1.90 -9.76
C TYR A 435 -24.91 2.19 -8.91
N THR A 436 -24.77 3.41 -8.41
CA THR A 436 -23.61 3.73 -7.60
C THR A 436 -23.60 2.92 -6.31
N VAL A 437 -24.75 2.75 -5.67
CA VAL A 437 -24.79 1.98 -4.43
C VAL A 437 -24.43 0.53 -4.70
N VAL A 438 -24.93 -0.04 -5.80
CA VAL A 438 -24.61 -1.43 -6.11
C VAL A 438 -23.12 -1.58 -6.41
N ILE A 439 -22.55 -0.65 -7.16
CA ILE A 439 -21.13 -0.72 -7.47
C ILE A 439 -20.29 -0.61 -6.20
N ALA A 440 -20.66 0.32 -5.31
CA ALA A 440 -19.94 0.45 -4.06
C ALA A 440 -20.06 -0.82 -3.23
N TRP A 441 -21.25 -1.42 -3.20
CA TRP A 441 -21.44 -2.65 -2.45
C TRP A 441 -20.55 -3.76 -2.99
N ILE A 442 -20.51 -3.90 -4.32
CA ILE A 442 -19.70 -4.96 -4.92
C ILE A 442 -18.22 -4.73 -4.63
N LEU A 443 -17.76 -3.49 -4.77
CA LEU A 443 -16.36 -3.21 -4.49
C LEU A 443 -16.03 -3.47 -3.02
N SER A 444 -16.93 -3.07 -2.11
CA SER A 444 -16.66 -3.27 -0.69
C SER A 444 -16.60 -4.76 -0.36
N PHE A 445 -17.51 -5.54 -0.94
CA PHE A 445 -17.46 -6.99 -0.72
C PHE A 445 -16.18 -7.58 -1.28
N ALA A 446 -15.76 -7.13 -2.46
CA ALA A 446 -14.51 -7.63 -3.03
C ALA A 446 -13.32 -7.28 -2.13
N LEU A 447 -13.32 -6.07 -1.58
CA LEU A 447 -12.25 -5.68 -0.67
C LEU A 447 -12.23 -6.55 0.57
N ILE A 448 -13.40 -6.82 1.15
CA ILE A 448 -13.45 -7.67 2.33
C ILE A 448 -12.94 -9.07 2.00
N VAL A 449 -13.34 -9.61 0.85
CA VAL A 449 -12.90 -10.94 0.47
C VAL A 449 -11.39 -10.99 0.27
N VAL A 450 -10.83 -9.97 -0.40
CA VAL A 450 -9.39 -9.95 -0.60
C VAL A 450 -8.66 -9.84 0.74
N ASN A 451 -9.16 -9.01 1.65
CA ASN A 451 -8.54 -8.90 2.97
C ASN A 451 -8.55 -10.24 3.68
N THR A 452 -9.71 -10.91 3.71
CA THR A 452 -9.79 -12.19 4.40
C THR A 452 -8.90 -13.24 3.73
N TYR A 453 -8.86 -13.25 2.40
CA TYR A 453 -8.02 -14.21 1.71
C TYR A 453 -6.55 -13.98 2.02
N PHE A 454 -6.10 -12.72 2.02
CA PHE A 454 -4.71 -12.46 2.36
C PHE A 454 -4.41 -12.86 3.79
N LEU A 455 -5.33 -12.57 4.72
CA LEU A 455 -5.09 -12.92 6.11
C LEU A 455 -4.97 -14.42 6.29
N VAL A 456 -5.92 -15.19 5.73
CA VAL A 456 -5.85 -16.63 5.82
C VAL A 456 -4.59 -17.14 5.16
N TRP A 457 -4.22 -16.56 4.02
CA TRP A 457 -3.02 -16.98 3.31
C TRP A 457 -1.78 -16.82 4.16
N THR A 458 -1.58 -15.63 4.72
CA THR A 458 -0.38 -15.39 5.51
C THR A 458 -0.37 -16.25 6.76
N TYR A 459 -1.52 -16.37 7.45
CA TYR A 459 -1.53 -17.17 8.66
C TYR A 459 -1.26 -18.63 8.35
N VAL A 460 -1.87 -19.17 7.30
CA VAL A 460 -1.66 -20.58 6.96
C VAL A 460 -0.21 -20.82 6.59
N ASP A 461 0.38 -19.94 5.78
CA ASP A 461 1.78 -20.13 5.40
C ASP A 461 2.70 -20.04 6.61
N TRP A 462 2.39 -19.13 7.55
CA TRP A 462 3.18 -19.07 8.78
C TRP A 462 3.05 -20.35 9.59
N LEU A 463 1.84 -20.90 9.66
CA LEU A 463 1.58 -22.04 10.53
C LEU A 463 2.17 -23.32 9.96
N VAL A 464 2.09 -23.50 8.63
CA VAL A 464 2.40 -24.81 8.04
C VAL A 464 3.86 -25.18 8.31
N HIS A 465 4.78 -24.24 8.10
CA HIS A 465 6.19 -24.56 8.28
C HIS A 465 7.01 -23.48 8.97
N ASN A 466 6.49 -22.28 9.17
CA ASN A 466 7.28 -21.20 9.77
C ASN A 466 7.24 -21.19 11.29
N HIS A 467 6.41 -22.02 11.92
CA HIS A 467 6.32 -22.08 13.37
C HIS A 467 6.92 -23.41 13.84
N LEU A 468 7.94 -23.32 14.70
CA LEU A 468 8.61 -24.49 15.24
C LEU A 468 7.81 -25.14 16.36
N PRO A 469 7.48 -24.39 17.41
CA PRO A 469 6.82 -25.00 18.58
C PRO A 469 5.43 -25.50 18.23
N LYS A 470 5.01 -26.54 18.96
CA LYS A 470 3.69 -27.15 18.79
C LYS A 470 2.79 -27.01 20.00
N TYR A 471 3.34 -26.86 21.21
CA TYR A 471 2.50 -26.75 22.39
C TYR A 471 1.59 -25.53 22.29
N ALA A 472 2.12 -24.40 21.86
CA ALA A 472 1.36 -23.18 21.71
C ALA A 472 0.72 -23.03 20.34
N ASN A 473 0.97 -23.96 19.43
CA ASN A 473 0.40 -23.87 18.09
C ASN A 473 -1.13 -23.93 18.15
N ALA A 474 -1.66 -24.86 18.95
CA ALA A 474 -3.11 -24.97 19.06
C ALA A 474 -3.72 -23.70 19.66
N LEU A 475 -3.10 -23.15 20.70
CA LEU A 475 -3.61 -21.93 21.30
C LEU A 475 -3.58 -20.77 20.32
N VAL A 476 -2.47 -20.61 19.59
CA VAL A 476 -2.36 -19.51 18.63
C VAL A 476 -3.40 -19.68 17.53
N SER A 477 -3.56 -20.90 17.02
CA SER A 477 -4.54 -21.14 15.98
C SER A 477 -5.94 -20.81 16.48
N ILE A 478 -6.27 -21.22 17.71
CA ILE A 478 -7.59 -20.96 18.24
C ILE A 478 -7.81 -19.45 18.39
N VAL A 479 -6.81 -18.73 18.89
CA VAL A 479 -6.95 -17.30 19.08
C VAL A 479 -7.16 -16.61 17.74
N VAL A 480 -6.36 -16.98 16.74
CA VAL A 480 -6.47 -16.34 15.43
C VAL A 480 -7.82 -16.66 14.79
N PHE A 481 -8.27 -17.90 14.90
CA PHE A 481 -9.56 -18.27 14.34
C PHE A 481 -10.68 -17.51 15.04
N ALA A 482 -10.60 -17.36 16.36
CA ALA A 482 -11.62 -16.61 17.08
C ALA A 482 -11.65 -15.16 16.64
N LEU A 483 -10.48 -14.53 16.50
CA LEU A 483 -10.45 -13.14 16.06
C LEU A 483 -11.01 -12.99 14.65
N MET A 484 -10.62 -13.88 13.73
CA MET A 484 -11.12 -13.79 12.37
C MET A 484 -12.62 -14.03 12.33
N ALA A 485 -13.11 -14.99 13.11
CA ALA A 485 -14.54 -15.26 13.16
C ALA A 485 -15.28 -14.05 13.71
N ALA A 486 -14.73 -13.40 14.72
CA ALA A 486 -15.38 -12.20 15.25
C ALA A 486 -15.43 -11.10 14.20
N TYR A 487 -14.34 -10.90 13.46
CA TYR A 487 -14.32 -9.89 12.42
C TYR A 487 -15.38 -10.18 11.36
N LEU A 488 -15.40 -11.41 10.86
CA LEU A 488 -16.37 -11.77 9.84
C LEU A 488 -17.80 -11.67 10.37
N VAL A 489 -18.03 -12.07 11.63
CA VAL A 489 -19.36 -12.01 12.19
C VAL A 489 -19.82 -10.57 12.33
N PHE A 490 -18.92 -9.67 12.73
CA PHE A 490 -19.28 -8.26 12.80
C PHE A 490 -19.63 -7.72 11.43
N VAL A 491 -18.83 -8.06 10.41
CA VAL A 491 -19.11 -7.56 9.07
C VAL A 491 -20.45 -8.11 8.59
N VAL A 492 -20.74 -9.38 8.88
CA VAL A 492 -22.00 -9.97 8.45
C VAL A 492 -23.18 -9.34 9.17
N TYR A 493 -23.03 -9.08 10.47
CA TYR A 493 -24.07 -8.36 11.20
C TYR A 493 -24.35 -7.01 10.56
N LEU A 494 -23.30 -6.26 10.26
CA LEU A 494 -23.49 -4.95 9.67
C LEU A 494 -24.01 -5.03 8.23
N THR A 495 -23.77 -6.13 7.53
CA THR A 495 -24.09 -6.23 6.12
C THR A 495 -25.48 -6.82 5.87
N PHE A 496 -25.67 -8.08 6.28
CA PHE A 496 -26.95 -8.77 6.09
C PHE A 496 -27.79 -8.69 7.36
N ARG A 497 -28.12 -7.46 7.74
CA ARG A 497 -28.95 -7.21 8.92
C ARG A 497 -29.30 -5.74 8.94
N ARG A 498 -30.54 -5.43 9.29
CA ARG A 498 -31.03 -4.06 9.28
C ARG A 498 -31.16 -3.58 10.72
N ASP A 499 -30.45 -2.50 11.05
CA ASP A 499 -30.53 -1.85 12.35
C ASP A 499 -31.08 -0.44 12.09
N THR A 500 -32.41 -0.33 12.03
CA THR A 500 -33.10 0.90 11.67
C THR A 500 -34.19 1.17 12.68
N VAL A 501 -33.91 2.03 13.66
CA VAL A 501 -34.89 2.41 14.67
C VAL A 501 -34.97 3.93 14.71
N SER A 502 -34.71 4.57 13.58
CA SER A 502 -34.73 6.02 13.49
C SER A 502 -35.20 6.43 12.10
N THR A 503 -35.09 7.71 11.79
CA THR A 503 -35.46 8.23 10.48
C THR A 503 -35.07 9.71 10.43
N TYR A 504 -35.21 10.30 9.26
CA TYR A 504 -34.88 11.71 9.05
C TYR A 504 -35.66 12.60 9.99
N GLN B 1 13.35 -29.62 7.79
CA GLN B 1 14.28 -28.50 7.68
C GLN B 1 13.91 -27.59 6.53
N TRP B 2 14.42 -26.37 6.57
CA TRP B 2 14.15 -25.36 5.55
C TRP B 2 15.34 -25.25 4.63
N GLN B 3 15.11 -25.38 3.33
CA GLN B 3 16.19 -25.31 2.37
C GLN B 3 15.60 -25.34 0.96
N LEU B 4 16.44 -24.95 -0.01
CA LEU B 4 16.14 -25.06 -1.43
C LEU B 4 17.20 -25.97 -2.04
N VAL B 5 16.76 -26.92 -2.85
CA VAL B 5 17.69 -27.90 -3.41
C VAL B 5 17.50 -28.06 -4.91
N GLU B 6 18.32 -27.36 -5.69
CA GLU B 6 18.38 -27.60 -7.12
C GLU B 6 18.71 -29.06 -7.40
N SER B 7 18.19 -29.60 -8.50
CA SER B 7 18.41 -31.01 -8.84
C SER B 7 18.19 -31.16 -10.34
N GLY B 8 19.22 -31.59 -11.04
CA GLY B 8 19.17 -31.84 -12.46
C GLY B 8 20.36 -31.21 -13.16
N GLY B 9 20.20 -30.98 -14.46
CA GLY B 9 21.22 -30.31 -15.25
C GLY B 9 22.32 -31.22 -15.74
N GLY B 10 23.17 -31.68 -14.82
CA GLY B 10 24.28 -32.55 -15.21
C GLY B 10 25.12 -31.97 -16.32
N LEU B 11 25.10 -32.63 -17.48
CA LEU B 11 25.83 -32.16 -18.65
C LEU B 11 25.13 -32.65 -19.92
N VAL B 12 25.10 -31.79 -20.93
CA VAL B 12 24.46 -32.08 -22.21
C VAL B 12 25.37 -31.57 -23.32
N GLN B 13 24.90 -31.75 -24.56
CA GLN B 13 25.67 -31.38 -25.75
C GLN B 13 25.14 -30.09 -26.39
N ALA B 14 23.92 -30.12 -26.92
CA ALA B 14 23.31 -28.94 -27.50
C ALA B 14 21.82 -29.17 -27.64
N GLY B 15 21.06 -28.08 -27.61
CA GLY B 15 19.62 -28.20 -27.47
C GLY B 15 19.32 -29.11 -26.29
N GLY B 16 20.01 -28.84 -25.19
CA GLY B 16 20.05 -29.81 -24.09
C GLY B 16 18.67 -30.23 -23.60
N SER B 17 17.71 -29.30 -23.62
CA SER B 17 16.37 -29.57 -23.12
C SER B 17 16.36 -29.93 -21.65
N LEU B 18 17.43 -29.59 -20.94
CA LEU B 18 17.55 -30.01 -19.56
C LEU B 18 16.46 -29.39 -18.70
N ARG B 19 15.92 -30.17 -17.78
CA ARG B 19 14.68 -29.82 -17.08
C ARG B 19 15.05 -29.82 -15.59
N LEU B 20 15.54 -28.67 -15.10
CA LEU B 20 16.05 -28.51 -13.73
C LEU B 20 14.90 -28.31 -12.77
N SER B 21 14.93 -28.99 -11.64
CA SER B 21 13.88 -28.88 -10.64
C SER B 21 14.46 -28.33 -9.35
N CYS B 22 13.86 -27.28 -8.82
CA CYS B 22 14.22 -26.74 -7.53
C CYS B 22 13.08 -27.02 -6.57
N VAL B 23 13.39 -27.70 -5.48
CA VAL B 23 12.42 -28.07 -4.45
C VAL B 23 12.76 -27.29 -3.19
N GLY B 24 11.79 -26.54 -2.69
CA GLY B 24 11.98 -25.75 -1.50
C GLY B 24 11.05 -26.15 -0.38
N SER B 25 11.58 -26.29 0.83
CA SER B 25 10.76 -26.75 1.95
C SER B 25 11.13 -25.95 3.19
N GLY B 26 10.18 -25.86 4.11
CA GLY B 26 10.41 -25.29 5.41
C GLY B 26 10.16 -23.80 5.52
N ARG B 27 9.88 -23.11 4.42
CA ARG B 27 9.58 -21.69 4.50
C ARG B 27 8.45 -21.26 3.57
N ALA B 28 7.83 -22.17 2.83
CA ALA B 28 6.71 -21.85 1.94
C ALA B 28 7.11 -20.82 0.89
N PHE B 29 8.06 -21.21 0.03
CA PHE B 29 8.55 -20.29 -0.99
C PHE B 29 7.50 -20.04 -2.07
N SER B 30 6.64 -21.00 -2.35
CA SER B 30 5.74 -20.90 -3.49
C SER B 30 4.57 -19.97 -3.19
N SER B 31 4.88 -18.75 -2.76
CA SER B 31 3.88 -17.71 -2.61
C SER B 31 4.30 -16.37 -3.19
N GLY B 32 5.59 -16.13 -3.38
CA GLY B 32 6.06 -14.94 -4.05
C GLY B 32 6.57 -15.26 -5.43
N ALA B 33 7.89 -15.39 -5.57
CA ALA B 33 8.51 -15.77 -6.82
C ALA B 33 9.58 -16.81 -6.54
N MET B 34 9.76 -17.73 -7.48
CA MET B 34 10.77 -18.77 -7.38
C MET B 34 11.52 -18.82 -8.71
N GLY B 35 12.66 -18.15 -8.77
CA GLY B 35 13.38 -18.06 -10.04
C GLY B 35 14.76 -18.65 -9.98
N TRP B 36 15.56 -18.40 -11.01
CA TRP B 36 16.89 -18.96 -11.12
C TRP B 36 17.92 -17.87 -11.37
N PHE B 37 19.19 -18.23 -11.19
CA PHE B 37 20.29 -17.37 -11.55
C PHE B 37 21.42 -18.26 -12.06
N ARG B 38 22.34 -17.66 -12.82
CA ARG B 38 23.44 -18.41 -13.40
C ARG B 38 24.75 -17.67 -13.16
N GLN B 39 25.84 -18.42 -13.08
CA GLN B 39 27.16 -17.84 -12.89
C GLN B 39 28.17 -18.70 -13.64
N THR B 40 28.89 -18.09 -14.58
CA THR B 40 29.94 -18.79 -15.31
C THR B 40 31.13 -19.01 -14.39
N PRO B 41 32.08 -19.87 -14.80
CA PRO B 41 33.25 -20.16 -13.94
C PRO B 41 33.82 -18.91 -13.29
N GLY B 42 34.24 -17.94 -14.09
CA GLY B 42 34.61 -16.65 -13.56
C GLY B 42 33.67 -15.55 -14.01
N GLN B 43 32.78 -15.11 -13.13
CA GLN B 43 31.83 -14.07 -13.48
C GLN B 43 30.94 -13.72 -12.28
N GLU B 44 30.03 -12.77 -12.47
CA GLU B 44 29.04 -12.43 -11.47
C GLU B 44 27.71 -13.09 -11.77
N ARG B 45 26.95 -13.38 -10.73
CA ARG B 45 25.65 -14.02 -10.90
C ARG B 45 24.74 -13.15 -11.73
N GLU B 46 23.94 -13.79 -12.59
CA GLU B 46 23.07 -13.08 -13.51
C GLU B 46 21.68 -13.69 -13.46
N PHE B 47 20.70 -12.92 -13.90
CA PHE B 47 19.33 -13.40 -13.94
C PHE B 47 19.15 -14.43 -15.05
N VAL B 48 18.29 -15.43 -14.82
CA VAL B 48 18.01 -16.48 -15.78
C VAL B 48 16.51 -16.60 -16.04
N ALA B 49 15.70 -16.51 -14.99
CA ALA B 49 14.25 -16.58 -15.15
C ALA B 49 13.60 -16.39 -13.79
N ALA B 50 12.29 -16.14 -13.80
CA ALA B 50 11.54 -16.02 -12.57
C ALA B 50 10.08 -16.32 -12.88
N ILE B 51 9.32 -16.61 -11.83
CA ILE B 51 7.89 -16.87 -11.98
C ILE B 51 7.21 -16.60 -10.65
N SER B 52 6.01 -16.04 -10.72
CA SER B 52 5.25 -15.72 -9.52
C SER B 52 4.31 -16.85 -9.16
N TRP B 53 3.63 -16.71 -8.02
CA TRP B 53 2.66 -17.72 -7.61
C TRP B 53 1.47 -17.75 -8.57
N SER B 54 1.02 -16.59 -9.03
CA SER B 54 -0.14 -16.54 -9.91
C SER B 54 0.03 -17.49 -11.08
N GLY B 55 1.23 -17.56 -11.63
CA GLY B 55 1.55 -18.55 -12.63
C GLY B 55 2.04 -17.92 -13.92
N GLY B 56 1.37 -16.87 -14.39
CA GLY B 56 1.94 -16.10 -15.47
C GLY B 56 2.56 -14.81 -15.01
N SER B 57 3.87 -14.83 -14.76
CA SER B 57 4.63 -13.61 -14.56
C SER B 57 6.05 -13.69 -15.08
N THR B 58 6.43 -14.78 -15.73
CA THR B 58 7.83 -15.08 -16.01
C THR B 58 8.54 -13.90 -16.67
N VAL B 59 9.52 -13.34 -15.99
CA VAL B 59 10.38 -12.30 -16.55
C VAL B 59 11.76 -12.92 -16.77
N TYR B 60 12.23 -12.87 -18.00
CA TYR B 60 13.46 -13.56 -18.38
C TYR B 60 14.61 -12.57 -18.52
N ALA B 61 15.78 -13.11 -18.85
CA ALA B 61 16.97 -12.32 -19.11
C ALA B 61 17.13 -12.11 -20.60
N GLU B 62 17.43 -10.87 -21.00
CA GLU B 62 17.52 -10.56 -22.41
C GLU B 62 18.55 -11.43 -23.12
N SER B 63 19.54 -11.92 -22.37
CA SER B 63 20.53 -12.82 -22.97
C SER B 63 19.89 -14.11 -23.46
N VAL B 64 18.98 -14.68 -22.68
CA VAL B 64 18.27 -15.90 -23.05
C VAL B 64 16.78 -15.66 -22.85
N LYS B 65 16.03 -15.68 -23.94
CA LYS B 65 14.58 -15.53 -23.90
C LYS B 65 13.98 -16.36 -25.02
N GLY B 66 12.89 -17.04 -24.73
CA GLY B 66 12.26 -17.92 -25.69
C GLY B 66 12.86 -19.30 -25.77
N ARG B 67 13.94 -19.57 -25.04
CA ARG B 67 14.52 -20.90 -24.96
C ARG B 67 14.31 -21.56 -23.61
N PHE B 68 14.11 -20.78 -22.56
CA PHE B 68 13.88 -21.30 -21.21
C PHE B 68 12.42 -21.11 -20.86
N THR B 69 11.75 -22.21 -20.52
CA THR B 69 10.35 -22.19 -20.09
C THR B 69 10.30 -22.54 -18.61
N ILE B 70 9.78 -21.64 -17.80
CA ILE B 70 9.78 -21.79 -16.35
C ILE B 70 8.35 -22.02 -15.88
N SER B 71 8.14 -23.09 -15.13
CA SER B 71 6.84 -23.45 -14.59
C SER B 71 6.96 -23.66 -13.09
N MET B 72 5.86 -23.44 -12.37
CA MET B 72 5.87 -23.53 -10.92
C MET B 72 4.71 -24.40 -10.47
N ASP B 73 5.00 -25.39 -9.63
CA ASP B 73 3.97 -26.21 -9.01
C ASP B 73 3.81 -25.73 -7.57
N ASN B 74 2.73 -25.01 -7.30
CA ASN B 74 2.55 -24.43 -5.97
C ASN B 74 2.37 -25.50 -4.92
N ALA B 75 1.50 -26.49 -5.18
CA ALA B 75 1.17 -27.48 -4.16
C ALA B 75 2.43 -28.19 -3.68
N LYS B 76 3.21 -28.73 -4.60
CA LYS B 76 4.49 -29.33 -4.23
C LYS B 76 5.54 -28.29 -3.89
N ASN B 77 5.29 -27.02 -4.21
CA ASN B 77 6.22 -25.93 -3.93
C ASN B 77 7.56 -26.19 -4.63
N THR B 78 7.51 -26.16 -5.96
CA THR B 78 8.68 -26.47 -6.76
C THR B 78 8.72 -25.60 -8.01
N VAL B 79 9.92 -25.30 -8.49
CA VAL B 79 10.12 -24.47 -9.68
C VAL B 79 10.92 -25.26 -10.69
N TYR B 80 10.36 -25.45 -11.88
CA TYR B 80 10.98 -26.24 -12.95
C TYR B 80 11.38 -25.32 -14.07
N LEU B 81 12.62 -25.44 -14.53
CA LEU B 81 13.14 -24.66 -15.65
C LEU B 81 13.56 -25.60 -16.78
N ARG B 82 12.93 -25.46 -17.93
CA ARG B 82 13.25 -26.25 -19.11
C ARG B 82 14.11 -25.43 -20.05
N MET B 83 15.32 -25.92 -20.31
CA MET B 83 16.25 -25.30 -21.24
C MET B 83 16.24 -26.09 -22.54
N ASN B 84 15.99 -25.40 -23.64
CA ASN B 84 15.99 -25.99 -24.96
C ASN B 84 16.86 -25.13 -25.86
N SER B 85 17.43 -25.76 -26.90
CA SER B 85 18.34 -25.08 -27.80
C SER B 85 19.56 -24.55 -27.05
N LEU B 86 20.17 -25.43 -26.24
CA LEU B 86 21.28 -25.05 -25.41
C LEU B 86 22.49 -24.67 -26.26
N GLN B 87 23.41 -23.93 -25.65
CA GLN B 87 24.59 -23.43 -26.35
C GLN B 87 25.77 -23.38 -25.38
N PRO B 88 27.00 -23.42 -25.90
CA PRO B 88 28.17 -23.38 -25.02
C PRO B 88 28.20 -22.19 -24.08
N GLU B 89 27.63 -21.05 -24.50
CA GLU B 89 27.67 -19.86 -23.66
C GLU B 89 26.90 -20.03 -22.37
N ASP B 90 25.99 -21.00 -22.30
CA ASP B 90 25.17 -21.23 -21.12
C ASP B 90 25.84 -22.11 -20.07
N THR B 91 26.99 -22.70 -20.38
CA THR B 91 27.74 -23.43 -19.37
C THR B 91 27.91 -22.57 -18.12
N ALA B 92 27.42 -23.06 -16.99
CA ALA B 92 27.57 -22.28 -15.76
C ALA B 92 26.94 -23.04 -14.60
N VAL B 93 27.13 -22.51 -13.40
CA VAL B 93 26.50 -23.04 -12.20
C VAL B 93 25.18 -22.30 -12.01
N TYR B 94 24.10 -23.04 -11.83
CA TYR B 94 22.76 -22.49 -11.70
C TYR B 94 22.30 -22.56 -10.25
N TYR B 95 21.79 -21.44 -9.76
CA TYR B 95 21.35 -21.31 -8.37
C TYR B 95 19.85 -21.04 -8.36
N CYS B 96 19.10 -21.89 -7.66
CA CYS B 96 17.71 -21.57 -7.40
C CYS B 96 17.62 -20.43 -6.40
N ALA B 97 16.57 -19.64 -6.49
CA ALA B 97 16.39 -18.54 -5.57
C ALA B 97 14.92 -18.25 -5.40
N ALA B 98 14.55 -17.77 -4.23
CA ALA B 98 13.17 -17.45 -3.92
C ALA B 98 13.09 -16.07 -3.32
N GLY B 99 12.03 -15.35 -3.64
CA GLY B 99 11.92 -13.98 -3.20
C GLY B 99 10.56 -13.62 -2.69
N THR B 100 10.20 -12.34 -2.73
CA THR B 100 8.88 -11.88 -2.33
C THR B 100 7.99 -11.52 -3.51
N SER B 101 8.57 -11.27 -4.68
CA SER B 101 7.81 -11.05 -5.89
C SER B 101 8.72 -11.32 -7.08
N THR B 102 8.12 -11.52 -8.25
CA THR B 102 8.94 -11.92 -9.38
C THR B 102 9.90 -10.84 -9.84
N PHE B 103 9.76 -9.61 -9.34
CA PHE B 103 10.70 -8.54 -9.65
C PHE B 103 11.70 -8.29 -8.54
N ALA B 104 11.28 -8.41 -7.27
CA ALA B 104 12.24 -8.32 -6.18
C ALA B 104 13.25 -9.44 -6.27
N LEU B 105 12.79 -10.65 -6.60
CA LEU B 105 13.71 -11.74 -6.85
C LEU B 105 14.67 -11.42 -7.97
N ARG B 106 14.31 -10.46 -8.84
CA ARG B 106 15.20 -10.04 -9.90
C ARG B 106 16.47 -9.41 -9.37
N ARG B 107 16.41 -8.80 -8.19
CA ARG B 107 17.52 -8.01 -7.67
C ARG B 107 18.12 -8.63 -6.41
N SER B 108 17.33 -8.85 -5.37
CA SER B 108 17.82 -9.34 -4.09
C SER B 108 16.99 -10.55 -3.68
N PRO B 109 17.45 -11.76 -4.03
CA PRO B 109 16.71 -12.97 -3.62
C PRO B 109 16.86 -13.19 -2.12
N GLU B 110 15.72 -13.29 -1.43
CA GLU B 110 15.76 -13.49 0.02
C GLU B 110 16.48 -14.78 0.38
N TYR B 111 16.17 -15.87 -0.32
CA TYR B 111 16.74 -17.17 -0.04
C TYR B 111 17.46 -17.67 -1.28
N TRP B 112 18.64 -18.26 -1.08
CA TRP B 112 19.44 -18.75 -2.19
C TRP B 112 19.49 -20.28 -2.19
N GLY B 113 20.34 -20.83 -3.04
CA GLY B 113 20.52 -22.27 -3.12
C GLY B 113 21.95 -22.61 -3.46
N LYS B 114 22.31 -23.86 -3.18
CA LYS B 114 23.68 -24.31 -3.43
C LYS B 114 24.01 -24.27 -4.93
N GLY B 115 23.09 -24.71 -5.76
CA GLY B 115 23.27 -24.68 -7.20
C GLY B 115 23.87 -25.97 -7.74
N THR B 116 23.76 -26.12 -9.05
CA THR B 116 24.25 -27.29 -9.76
C THR B 116 24.98 -26.86 -11.02
N PRO B 117 26.01 -27.61 -11.44
CA PRO B 117 26.75 -27.25 -12.65
C PRO B 117 26.05 -27.80 -13.90
N VAL B 118 25.86 -26.94 -14.90
CA VAL B 118 25.36 -27.33 -16.20
C VAL B 118 26.46 -27.07 -17.21
N THR B 119 26.94 -28.14 -17.84
CA THR B 119 28.04 -28.06 -18.79
C THR B 119 27.59 -28.62 -20.14
N VAL B 120 28.00 -27.95 -21.21
CA VAL B 120 27.64 -28.38 -22.55
C VAL B 120 28.86 -28.89 -23.29
#